data_8FRJ
#
_entry.id   8FRJ
#
_cell.length_a   109.155
_cell.length_b   109.155
_cell.length_c   48.640
_cell.angle_alpha   90.000
_cell.angle_beta   90.000
_cell.angle_gamma   120.000
#
_symmetry.space_group_name_H-M   'P 65'
#
loop_
_entity.id
_entity.type
_entity.pdbx_description
1 polymer 'Transcription factor ETV6,Guanine-N7 methyltransferase nsp14 chimera'
2 non-polymer 'ZINC ION'
3 non-polymer 5-bromo-7-{5-[(3-{[(4-tert-butylphenyl)carbamoyl]amino}propyl)(propan-2-yl)amino]-5-deoxy-beta-D-ribofuranosyl}-7H-pyrrolo[2,3-d]pyrimidin-4-amine
4 water water
#
_entity_poly.entity_id   1
_entity_poly.type   'polypeptide(L)'
_entity_poly.pdbx_seq_one_letter_code
;GSIALPAHLRLQPIYWSRDDVAQWLKWAENEFSLRPIDSNTFEMNGKALLLLTKEDFRYRSPHSGDELYELLQHILAQPA
AGDELKINAACRKVQHMVVKAALLADKFPVLHDIGNPKAIKCVPQADVEWKFYDAQPCSDKAYKIEELFYSYATHSDKFT
DGVCLFWNCNVDRYPANSIVCRFDTRVLSNLNLPGCDGGSLYVNKHAFHTPAFDKSAFVNLKQLPFFYYSDSPCESHGKQ
VVSDIDYVPLKSATCITRCNLGGAVCRHHANEYRLYLDAYNMMISAGFSLWVYKQFDTYNLWNTFTRLQ
;
_entity_poly.pdbx_strand_id   A
#
loop_
_chem_comp.id
_chem_comp.type
_chem_comp.name
_chem_comp.formula
AW2 non-polymer 5-bromo-7-{5-[(3-{[(4-tert-butylphenyl)carbamoyl]amino}propyl)(propan-2-yl)amino]-5-deoxy-beta-D-ribofuranosyl}-7H-pyrrolo[2,3-d]pyrimidin-4-amine 'C28 H40 Br N7 O4'
ZN non-polymer 'ZINC ION' 'Zn 2'
#
# COMPACT_ATOMS: atom_id res chain seq x y z
N LEU A 5 -19.73 8.49 6.98
CA LEU A 5 -18.40 9.02 6.61
C LEU A 5 -17.91 8.38 5.32
N PRO A 6 -17.75 9.18 4.26
CA PRO A 6 -17.17 8.63 3.02
C PRO A 6 -15.82 7.98 3.27
N ALA A 7 -15.53 6.95 2.46
CA ALA A 7 -14.40 6.07 2.75
C ALA A 7 -13.09 6.84 2.88
N HIS A 8 -12.83 7.79 1.98
CA HIS A 8 -11.58 8.53 2.04
C HIS A 8 -11.44 9.28 3.36
N LEU A 9 -12.57 9.70 3.96
CA LEU A 9 -12.50 10.47 5.19
C LEU A 9 -12.19 9.60 6.41
N ARG A 10 -12.21 8.29 6.25
CA ARG A 10 -11.73 7.37 7.27
C ARG A 10 -10.21 7.23 7.26
N LEU A 11 -9.54 7.68 6.20
CA LEU A 11 -8.09 7.82 6.25
C LEU A 11 -7.71 8.97 7.14
N GLN A 12 -6.47 8.91 7.66
CA GLN A 12 -5.94 10.07 8.37
C GLN A 12 -5.93 11.29 7.45
N PRO A 13 -6.25 12.48 7.96
CA PRO A 13 -6.41 13.64 7.08
C PRO A 13 -5.20 13.97 6.23
N ILE A 14 -4.00 13.54 6.64
CA ILE A 14 -2.82 13.79 5.82
C ILE A 14 -2.93 13.14 4.44
N TYR A 15 -3.76 12.11 4.31
CA TYR A 15 -3.97 11.46 3.03
C TYR A 15 -5.13 12.04 2.23
N TRP A 16 -5.85 13.02 2.76
CA TRP A 16 -7.00 13.55 2.04
C TRP A 16 -6.57 14.34 0.83
N SER A 17 -7.21 14.09 -0.30
CA SER A 17 -7.07 14.91 -1.50
C SER A 17 -7.86 16.21 -1.39
N ARG A 18 -7.67 17.08 -2.39
CA ARG A 18 -8.49 18.30 -2.43
C ARG A 18 -9.97 17.95 -2.53
N ASP A 19 -10.31 16.91 -3.32
CA ASP A 19 -11.73 16.54 -3.42
C ASP A 19 -12.23 15.94 -2.11
N ASP A 20 -11.37 15.23 -1.38
CA ASP A 20 -11.76 14.72 -0.06
C ASP A 20 -12.07 15.86 0.90
N VAL A 21 -11.26 16.92 0.90
CA VAL A 21 -11.54 18.06 1.78
C VAL A 21 -12.90 18.65 1.46
N ALA A 22 -13.25 18.73 0.18
CA ALA A 22 -14.53 19.31 -0.20
C ALA A 22 -15.69 18.43 0.24
N GLN A 23 -15.53 17.10 0.14
CA GLN A 23 -16.56 16.21 0.64
C GLN A 23 -16.65 16.27 2.16
N TRP A 24 -15.53 16.52 2.84
CA TRP A 24 -15.56 16.70 4.29
C TRP A 24 -16.39 17.91 4.68
N LEU A 25 -16.24 19.01 3.96
CA LEU A 25 -17.06 20.20 4.19
C LEU A 25 -18.55 19.88 4.07
N LYS A 26 -18.91 19.13 3.03
CA LYS A 26 -20.31 18.82 2.79
C LYS A 26 -20.85 17.87 3.87
N TRP A 27 -20.06 16.88 4.25
CA TRP A 27 -20.46 16.02 5.36
C TRP A 27 -20.66 16.83 6.63
N ALA A 28 -19.71 17.74 6.92
CA ALA A 28 -19.79 18.48 8.16
C ALA A 28 -20.98 19.45 8.15
N GLU A 29 -21.30 20.02 7.00
CA GLU A 29 -22.45 20.90 6.90
C GLU A 29 -23.72 20.16 7.28
N ASN A 30 -23.88 18.95 6.80
CA ASN A 30 -25.12 18.22 7.10
C ASN A 30 -25.11 17.66 8.52
N GLU A 31 -23.99 17.10 8.95
CA GLU A 31 -23.93 16.50 10.29
C GLU A 31 -24.17 17.55 11.38
N PHE A 32 -23.73 18.78 11.17
CA PHE A 32 -23.79 19.80 12.21
C PHE A 32 -24.68 20.98 11.85
N SER A 33 -25.45 20.90 10.77
CA SER A 33 -26.46 21.92 10.43
C SER A 33 -25.81 23.29 10.24
N LEU A 34 -24.70 23.33 9.55
CA LEU A 34 -23.93 24.55 9.36
C LEU A 34 -24.44 25.31 8.14
N ARG A 35 -24.08 26.57 8.08
CA ARG A 35 -24.39 27.37 6.91
C ARG A 35 -23.63 26.78 5.72
N PRO A 36 -24.30 26.51 4.61
CA PRO A 36 -23.59 26.01 3.43
C PRO A 36 -22.45 26.92 3.03
N ILE A 37 -21.26 26.33 2.81
CA ILE A 37 -20.10 27.06 2.33
C ILE A 37 -19.72 26.54 0.94
N ASP A 38 -19.20 27.44 0.11
CA ASP A 38 -18.78 27.07 -1.22
C ASP A 38 -17.73 25.97 -1.14
N SER A 39 -17.86 24.97 -2.02
CA SER A 39 -16.97 23.81 -1.98
C SER A 39 -15.52 24.19 -2.13
N ASN A 40 -15.21 25.39 -2.64
CA ASN A 40 -13.85 25.86 -2.84
C ASN A 40 -13.37 26.76 -1.70
N THR A 41 -14.03 26.70 -0.55
CA THR A 41 -13.61 27.54 0.57
C THR A 41 -12.25 27.13 1.10
N PHE A 42 -11.91 25.83 0.99
CA PHE A 42 -10.62 25.30 1.41
C PHE A 42 -10.01 24.56 0.22
N GLU A 43 -9.56 25.32 -0.78
CA GLU A 43 -9.03 24.77 -2.02
C GLU A 43 -7.61 24.27 -1.77
N MET A 44 -7.52 23.09 -1.14
CA MET A 44 -6.22 22.49 -0.84
C MET A 44 -6.45 21.03 -0.47
N ASN A 45 -5.36 20.27 -0.34
CA ASN A 45 -5.45 18.90 0.15
C ASN A 45 -5.27 18.87 1.67
N GLY A 46 -5.36 17.67 2.25
CA GLY A 46 -5.38 17.56 3.69
C GLY A 46 -4.06 17.96 4.32
N LYS A 47 -2.95 17.65 3.64
CA LYS A 47 -1.64 18.10 4.11
C LYS A 47 -1.62 19.59 4.34
N ALA A 48 -2.18 20.35 3.38
CA ALA A 48 -2.25 21.81 3.55
C ALA A 48 -3.24 22.22 4.64
N LEU A 49 -4.37 21.54 4.70
CA LEU A 49 -5.39 21.88 5.69
C LEU A 49 -4.83 21.79 7.10
N LEU A 50 -3.98 20.80 7.35
CA LEU A 50 -3.33 20.65 8.64
C LEU A 50 -2.34 21.77 8.96
N LEU A 51 -1.99 22.60 7.98
CA LEU A 51 -1.05 23.68 8.23
C LEU A 51 -1.73 24.98 8.61
N LEU A 52 -3.04 25.09 8.36
CA LEU A 52 -3.78 26.29 8.71
C LEU A 52 -3.90 26.44 10.23
N THR A 53 -3.96 27.68 10.68
CA THR A 53 -4.29 28.00 12.06
C THR A 53 -5.80 28.07 12.22
N LYS A 54 -6.26 28.09 13.47
CA LYS A 54 -7.69 28.24 13.71
C LYS A 54 -8.15 29.60 13.20
N GLU A 55 -7.33 30.63 13.37
CA GLU A 55 -7.64 31.95 12.80
C GLU A 55 -7.89 31.83 11.30
N ASP A 56 -7.02 31.11 10.60
CA ASP A 56 -7.20 30.95 9.16
C ASP A 56 -8.57 30.33 8.85
N PHE A 57 -8.95 29.32 9.62
CA PHE A 57 -10.27 28.73 9.47
C PHE A 57 -11.38 29.76 9.65
N ARG A 58 -11.29 30.59 10.71
CA ARG A 58 -12.32 31.58 10.95
C ARG A 58 -12.39 32.59 9.80
N TYR A 59 -11.24 32.99 9.26
CA TYR A 59 -11.27 33.96 8.17
C TYR A 59 -11.87 33.35 6.91
N ARG A 60 -11.54 32.08 6.63
CA ARG A 60 -12.09 31.44 5.44
C ARG A 60 -13.59 31.18 5.55
N SER A 61 -14.06 30.84 6.75
CA SER A 61 -15.48 30.58 6.99
C SER A 61 -15.88 31.30 8.28
N PRO A 62 -16.31 32.56 8.17
CA PRO A 62 -16.74 33.26 9.39
C PRO A 62 -17.86 32.55 10.13
N HIS A 63 -18.68 31.77 9.42
CA HIS A 63 -19.86 31.18 10.04
C HIS A 63 -19.63 29.80 10.61
N SER A 64 -18.59 29.08 10.15
CA SER A 64 -18.40 27.71 10.59
C SER A 64 -16.96 27.32 10.77
N GLY A 65 -16.01 28.25 10.54
CA GLY A 65 -14.60 27.89 10.57
C GLY A 65 -14.11 27.33 11.89
N ASP A 66 -14.53 27.95 13.00
CA ASP A 66 -14.09 27.48 14.31
C ASP A 66 -14.56 26.05 14.54
N GLU A 67 -15.83 25.76 14.19
CA GLU A 67 -16.38 24.43 14.31
C GLU A 67 -15.60 23.45 13.46
N LEU A 68 -15.31 23.81 12.22
CA LEU A 68 -14.58 22.91 11.33
C LEU A 68 -13.21 22.61 11.90
N TYR A 69 -12.53 23.64 12.41
CA TYR A 69 -11.21 23.44 12.99
C TYR A 69 -11.28 22.43 14.14
N GLU A 70 -12.25 22.61 15.04
CA GLU A 70 -12.37 21.70 16.17
C GLU A 70 -12.73 20.29 15.73
N LEU A 71 -13.61 20.18 14.75
CA LEU A 71 -13.92 18.86 14.16
C LEU A 71 -12.65 18.18 13.68
N LEU A 72 -11.79 18.91 12.95
CA LEU A 72 -10.55 18.34 12.50
C LEU A 72 -9.69 17.88 13.68
N GLN A 73 -9.65 18.65 14.77
CA GLN A 73 -8.85 18.24 15.92
C GLN A 73 -9.39 16.95 16.54
N HIS A 74 -10.70 16.81 16.56
CA HIS A 74 -11.31 15.59 17.09
C HIS A 74 -11.00 14.40 16.20
N ILE A 75 -11.12 14.61 14.87
CA ILE A 75 -10.77 13.55 13.94
C ILE A 75 -9.32 13.14 14.13
N LEU A 76 -8.44 14.11 14.39
CA LEU A 76 -7.02 13.81 14.56
C LEU A 76 -6.76 13.08 15.87
N ALA A 77 -7.48 13.44 16.93
CA ALA A 77 -7.29 12.79 18.21
C ALA A 77 -7.93 11.39 18.23
N GLN A 78 -9.02 11.19 17.51
CA GLN A 78 -9.77 9.93 17.52
C GLN A 78 -9.98 9.44 16.09
N PRO A 79 -8.97 8.79 15.51
CA PRO A 79 -9.12 8.29 14.14
C PRO A 79 -10.30 7.33 14.01
N ALA A 80 -10.98 7.41 12.87
CA ALA A 80 -12.09 6.52 12.61
C ALA A 80 -11.59 5.12 12.29
N ALA A 81 -12.34 4.12 12.73
CA ALA A 81 -12.00 2.73 12.41
C ALA A 81 -12.21 2.47 10.93
N GLY A 82 -11.23 1.81 10.30
CA GLY A 82 -11.40 1.38 8.95
C GLY A 82 -12.23 0.11 8.85
N ASP A 83 -12.68 -0.17 7.63
CA ASP A 83 -13.47 -1.38 7.36
C ASP A 83 -12.53 -2.57 7.13
N GLU A 84 -12.74 -3.65 7.89
CA GLU A 84 -11.83 -4.78 7.82
C GLU A 84 -11.83 -5.41 6.44
N LEU A 85 -13.00 -5.51 5.80
CA LEU A 85 -13.06 -6.11 4.47
C LEU A 85 -12.33 -5.25 3.45
N LYS A 86 -12.56 -3.94 3.46
CA LYS A 86 -11.81 -3.07 2.56
C LYS A 86 -10.31 -3.11 2.86
N ILE A 87 -9.94 -3.20 4.13
CA ILE A 87 -8.50 -3.21 4.44
C ILE A 87 -7.89 -4.53 4.03
N ASN A 88 -8.62 -5.63 4.22
CA ASN A 88 -8.19 -6.93 3.68
C ASN A 88 -7.93 -6.87 2.20
N ALA A 89 -8.89 -6.36 1.44
CA ALA A 89 -8.74 -6.30 -0.01
C ALA A 89 -7.58 -5.42 -0.38
N ALA A 90 -7.44 -4.25 0.30
CA ALA A 90 -6.31 -3.36 0.02
C ALA A 90 -4.98 -4.06 0.23
N CYS A 91 -4.82 -4.75 1.35
N CYS A 91 -4.84 -4.74 1.37
CA CYS A 91 -3.56 -5.44 1.64
CA CYS A 91 -3.60 -5.46 1.69
C CYS A 91 -3.28 -6.51 0.61
C CYS A 91 -3.29 -6.52 0.64
N ARG A 92 -4.30 -7.27 0.23
CA ARG A 92 -4.09 -8.30 -0.79
C ARG A 92 -3.68 -7.67 -2.13
N LYS A 93 -4.26 -6.51 -2.45
CA LYS A 93 -3.95 -5.81 -3.69
CA LYS A 93 -3.94 -5.82 -3.69
C LYS A 93 -2.47 -5.41 -3.74
N VAL A 94 -1.99 -4.83 -2.64
CA VAL A 94 -0.61 -4.43 -2.51
C VAL A 94 0.30 -5.64 -2.54
N GLN A 95 -0.08 -6.71 -1.82
CA GLN A 95 0.72 -7.90 -1.79
C GLN A 95 0.97 -8.43 -3.19
N HIS A 96 -0.08 -8.55 -3.99
CA HIS A 96 0.07 -9.07 -5.33
C HIS A 96 0.94 -8.17 -6.19
N MET A 97 0.74 -6.84 -6.09
CA MET A 97 1.52 -5.88 -6.88
C MET A 97 2.99 -6.02 -6.54
N VAL A 98 3.32 -6.01 -5.25
CA VAL A 98 4.70 -5.94 -4.83
C VAL A 98 5.42 -7.24 -5.13
N VAL A 99 4.79 -8.38 -4.82
CA VAL A 99 5.49 -9.67 -5.05
C VAL A 99 5.63 -9.95 -6.54
N LYS A 100 4.60 -9.65 -7.32
CA LYS A 100 4.66 -9.78 -8.78
C LYS A 100 5.82 -9.00 -9.36
N ALA A 101 5.97 -7.73 -8.94
CA ALA A 101 7.07 -6.89 -9.41
C ALA A 101 8.42 -7.44 -9.01
N ALA A 102 8.58 -7.88 -7.76
CA ALA A 102 9.85 -8.43 -7.29
C ALA A 102 10.26 -9.64 -8.11
N LEU A 103 9.31 -10.53 -8.37
CA LEU A 103 9.60 -11.72 -9.16
C LEU A 103 9.98 -11.38 -10.60
N LEU A 104 9.33 -10.39 -11.21
CA LEU A 104 9.66 -9.98 -12.56
C LEU A 104 11.01 -9.29 -12.59
N ALA A 105 11.32 -8.51 -11.55
CA ALA A 105 12.51 -7.69 -11.59
C ALA A 105 13.77 -8.53 -11.40
N ASP A 106 13.73 -9.51 -10.49
CA ASP A 106 14.91 -10.26 -10.07
C ASP A 106 14.86 -11.73 -10.39
N LYS A 107 13.75 -12.24 -10.91
CA LYS A 107 13.66 -13.57 -11.49
C LYS A 107 14.10 -14.66 -10.52
N PHE A 108 13.73 -14.52 -9.25
CA PHE A 108 13.99 -15.52 -8.25
C PHE A 108 13.45 -16.86 -8.70
N PRO A 109 14.21 -17.94 -8.56
CA PRO A 109 13.69 -19.26 -8.96
C PRO A 109 12.83 -19.91 -7.91
N VAL A 110 12.86 -19.44 -6.66
N VAL A 110 12.89 -19.47 -6.65
CA VAL A 110 12.12 -20.01 -5.55
CA VAL A 110 12.06 -20.02 -5.58
C VAL A 110 11.61 -18.88 -4.67
C VAL A 110 11.61 -18.88 -4.68
N LEU A 111 10.39 -19.01 -4.17
CA LEU A 111 9.82 -18.11 -3.17
C LEU A 111 9.44 -18.94 -1.94
N HIS A 112 9.96 -18.55 -0.81
CA HIS A 112 9.72 -19.19 0.49
C HIS A 112 8.70 -18.33 1.23
N ASP A 113 7.46 -18.78 1.24
CA ASP A 113 6.31 -18.03 1.77
C ASP A 113 6.11 -18.41 3.23
N ILE A 114 6.60 -17.57 4.14
CA ILE A 114 6.70 -17.91 5.57
C ILE A 114 5.60 -17.15 6.32
N GLY A 115 4.74 -17.92 6.98
CA GLY A 115 3.56 -17.36 7.60
C GLY A 115 2.34 -17.40 6.73
N ASN A 116 2.23 -18.40 5.86
CA ASN A 116 1.09 -18.56 4.97
C ASN A 116 0.42 -19.86 5.36
N PRO A 117 -0.67 -19.84 6.11
CA PRO A 117 -1.24 -21.08 6.62
C PRO A 117 -2.23 -21.72 5.68
N LYS A 118 -2.51 -21.09 4.54
CA LYS A 118 -3.51 -21.53 3.62
C LYS A 118 -2.97 -21.99 2.28
N ALA A 119 -1.66 -21.86 2.04
CA ALA A 119 -1.04 -22.35 0.82
C ALA A 119 -1.67 -21.71 -0.41
N ILE A 120 -1.93 -20.40 -0.31
N ILE A 120 -1.92 -20.40 -0.31
CA ILE A 120 -2.46 -19.62 -1.43
CA ILE A 120 -2.46 -19.62 -1.43
C ILE A 120 -1.34 -18.72 -1.92
C ILE A 120 -1.34 -18.71 -1.93
N LYS A 121 -1.03 -18.80 -3.22
CA LYS A 121 -0.04 -17.92 -3.84
C LYS A 121 -0.65 -16.56 -4.14
N CYS A 122 0.00 -15.48 -3.71
CA CYS A 122 -0.43 -14.14 -4.06
CA CYS A 122 -0.47 -14.15 -4.08
C CYS A 122 -0.16 -13.81 -5.54
N VAL A 123 0.74 -14.53 -6.20
CA VAL A 123 1.02 -14.31 -7.63
C VAL A 123 1.02 -15.66 -8.35
N PRO A 124 -0.16 -16.23 -8.56
CA PRO A 124 -0.24 -17.60 -9.07
C PRO A 124 0.30 -17.79 -10.47
N GLN A 125 0.45 -16.71 -11.26
CA GLN A 125 0.90 -16.86 -12.64
C GLN A 125 2.41 -16.70 -12.77
N ALA A 126 3.11 -16.46 -11.66
CA ALA A 126 4.55 -16.31 -11.75
C ALA A 126 5.20 -17.65 -12.09
N ASP A 127 6.29 -17.59 -12.85
CA ASP A 127 7.13 -18.75 -13.11
C ASP A 127 8.16 -18.84 -11.99
N VAL A 128 7.77 -19.52 -10.91
CA VAL A 128 8.60 -19.65 -9.73
C VAL A 128 8.13 -20.86 -8.95
N GLU A 129 9.08 -21.54 -8.28
CA GLU A 129 8.73 -22.60 -7.33
C GLU A 129 8.29 -21.95 -6.02
N TRP A 130 7.02 -22.14 -5.66
CA TRP A 130 6.44 -21.54 -4.47
C TRP A 130 6.42 -22.57 -3.34
N LYS A 131 7.01 -22.21 -2.21
CA LYS A 131 7.08 -23.05 -1.03
C LYS A 131 6.43 -22.37 0.16
N PHE A 132 5.64 -23.12 0.91
CA PHE A 132 4.86 -22.56 2.02
C PHE A 132 5.34 -23.11 3.36
N TYR A 133 5.35 -22.22 4.38
CA TYR A 133 5.75 -22.51 5.75
C TYR A 133 4.82 -21.78 6.69
N ASP A 134 4.51 -22.40 7.83
CA ASP A 134 3.75 -21.71 8.87
C ASP A 134 3.90 -22.47 10.16
N ALA A 135 3.92 -21.74 11.29
CA ALA A 135 4.01 -22.38 12.60
C ALA A 135 2.74 -23.13 12.99
N GLN A 136 1.59 -22.71 12.44
CA GLN A 136 0.29 -23.34 12.71
C GLN A 136 -0.52 -23.43 11.41
N PRO A 137 -0.13 -24.31 10.49
CA PRO A 137 -0.84 -24.40 9.22
C PRO A 137 -2.28 -24.81 9.42
N CYS A 138 -3.13 -24.33 8.53
CA CYS A 138 -4.53 -24.76 8.52
C CYS A 138 -4.58 -26.27 8.26
N SER A 139 -5.38 -26.98 9.04
CA SER A 139 -5.36 -28.44 8.96
C SER A 139 -5.73 -28.93 7.56
N ASP A 140 -6.55 -28.18 6.83
CA ASP A 140 -6.95 -28.59 5.49
C ASP A 140 -5.95 -28.22 4.41
N LYS A 141 -4.83 -27.57 4.77
CA LYS A 141 -3.76 -27.26 3.85
C LYS A 141 -2.39 -27.71 4.35
N ALA A 142 -2.32 -28.31 5.55
CA ALA A 142 -1.02 -28.69 6.11
C ALA A 142 -0.31 -29.73 5.25
N TYR A 143 -1.04 -30.49 4.45
CA TYR A 143 -0.37 -31.48 3.59
C TYR A 143 0.62 -30.83 2.63
N LYS A 144 0.53 -29.51 2.37
CA LYS A 144 1.49 -28.86 1.48
C LYS A 144 2.12 -27.63 2.13
N ILE A 145 2.20 -27.64 3.46
CA ILE A 145 2.83 -26.54 4.21
C ILE A 145 3.80 -27.16 5.21
N GLU A 146 5.03 -26.69 5.22
CA GLU A 146 6.03 -27.09 6.20
C GLU A 146 5.73 -26.43 7.54
N GLU A 147 5.52 -27.25 8.55
CA GLU A 147 5.25 -26.73 9.90
C GLU A 147 6.57 -26.23 10.49
N LEU A 148 6.70 -24.91 10.60
CA LEU A 148 7.98 -24.31 10.97
C LEU A 148 7.71 -22.98 11.65
N PHE A 149 8.36 -22.74 12.79
CA PHE A 149 8.36 -21.42 13.45
C PHE A 149 9.69 -20.77 13.09
N TYR A 150 9.63 -19.72 12.28
CA TYR A 150 10.84 -19.06 11.81
C TYR A 150 11.45 -18.21 12.91
N SER A 151 12.75 -18.35 13.12
CA SER A 151 13.52 -17.49 13.97
C SER A 151 14.84 -17.27 13.29
N TYR A 152 15.28 -16.01 13.23
CA TYR A 152 16.54 -15.69 12.59
C TYR A 152 17.69 -16.47 13.21
N ALA A 153 17.71 -16.58 14.55
CA ALA A 153 18.78 -17.27 15.23
C ALA A 153 18.87 -18.74 14.84
N THR A 154 17.76 -19.33 14.42
CA THR A 154 17.75 -20.74 14.04
CA THR A 154 17.75 -20.74 14.04
C THR A 154 17.82 -20.96 12.54
N HIS A 155 17.32 -20.02 11.75
CA HIS A 155 17.13 -20.24 10.32
C HIS A 155 17.86 -19.26 9.40
N SER A 156 18.75 -18.43 9.94
CA SER A 156 19.41 -17.41 9.11
C SER A 156 20.29 -18.03 8.03
N ASP A 157 20.64 -19.30 8.18
CA ASP A 157 21.45 -19.98 7.19
CA ASP A 157 21.45 -20.03 7.22
C ASP A 157 20.61 -20.83 6.25
N LYS A 158 19.29 -20.76 6.35
CA LYS A 158 18.37 -21.48 5.50
C LYS A 158 17.67 -20.49 4.58
N PHE A 159 16.99 -21.03 3.55
CA PHE A 159 16.17 -20.22 2.64
C PHE A 159 16.99 -19.14 1.95
N THR A 160 18.25 -19.46 1.63
CA THR A 160 19.12 -18.48 0.99
C THR A 160 18.98 -18.47 -0.53
N ASP A 161 18.32 -19.47 -1.11
CA ASP A 161 17.98 -19.40 -2.52
C ASP A 161 16.69 -18.61 -2.69
N GLY A 162 16.59 -17.91 -3.80
CA GLY A 162 15.33 -17.25 -4.07
C GLY A 162 15.08 -16.07 -3.13
N VAL A 163 13.80 -15.89 -2.82
CA VAL A 163 13.36 -14.76 -2.02
C VAL A 163 12.41 -15.28 -0.95
N CYS A 164 12.40 -14.63 0.22
CA CYS A 164 11.47 -15.01 1.28
C CYS A 164 10.34 -13.96 1.34
N LEU A 165 9.12 -14.42 1.58
CA LEU A 165 7.96 -13.54 1.73
C LEU A 165 7.43 -13.62 3.17
N PHE A 166 7.40 -12.49 3.87
CA PHE A 166 6.84 -12.42 5.23
C PHE A 166 5.72 -11.39 5.22
N TRP A 167 4.51 -11.82 4.85
CA TRP A 167 3.40 -10.89 4.69
C TRP A 167 2.62 -10.93 6.01
N ASN A 168 2.93 -9.98 6.90
CA ASN A 168 2.38 -9.92 8.25
C ASN A 168 2.71 -11.21 9.04
N CYS A 169 3.94 -11.68 8.90
CA CYS A 169 4.46 -12.76 9.72
C CYS A 169 5.60 -12.09 10.48
N ASN A 170 5.33 -11.76 11.74
CA ASN A 170 6.12 -10.82 12.52
C ASN A 170 7.20 -11.58 13.30
N VAL A 171 8.31 -11.85 12.62
CA VAL A 171 9.37 -12.66 13.19
C VAL A 171 10.39 -11.74 13.85
N ASP A 172 11.36 -12.35 14.56
CA ASP A 172 12.31 -11.55 15.35
C ASP A 172 13.20 -10.69 14.47
N ARG A 173 13.67 -11.26 13.36
CA ARG A 173 14.48 -10.50 12.42
C ARG A 173 14.38 -11.15 11.05
N TYR A 174 14.24 -10.36 10.03
CA TYR A 174 14.01 -10.87 8.67
C TYR A 174 15.36 -11.12 7.99
N PRO A 175 15.49 -12.17 7.20
CA PRO A 175 16.72 -12.38 6.43
C PRO A 175 16.80 -11.38 5.27
N ALA A 176 18.02 -11.23 4.76
CA ALA A 176 18.28 -10.18 3.77
C ALA A 176 17.50 -10.36 2.47
N ASN A 177 17.16 -11.59 2.10
CA ASN A 177 16.45 -11.83 0.85
C ASN A 177 14.96 -11.92 1.10
N SER A 178 14.35 -10.84 1.61
CA SER A 178 12.94 -10.87 2.01
C SER A 178 12.09 -9.74 1.39
N ILE A 179 10.77 -10.03 1.33
CA ILE A 179 9.72 -9.05 1.09
C ILE A 179 8.79 -9.06 2.30
N VAL A 180 8.51 -7.89 2.89
CA VAL A 180 7.89 -7.80 4.20
C VAL A 180 6.79 -6.77 4.24
N CYS A 181 5.69 -7.13 4.85
CA CYS A 181 4.66 -6.20 5.33
C CYS A 181 4.51 -6.43 6.83
N ARG A 182 4.57 -5.36 7.61
CA ARG A 182 4.44 -5.47 9.06
C ARG A 182 3.49 -4.41 9.59
N PHE A 183 2.63 -4.79 10.52
CA PHE A 183 1.71 -3.85 11.14
C PHE A 183 2.34 -3.28 12.40
N ASP A 184 2.21 -1.96 12.58
CA ASP A 184 2.81 -1.25 13.72
C ASP A 184 1.80 -1.02 14.84
N LYS A 215 12.79 -1.11 15.26
CA LYS A 215 13.30 -1.14 13.88
C LYS A 215 14.40 -2.22 13.71
N SER A 216 14.79 -2.85 14.80
CA SER A 216 15.87 -3.83 14.75
C SER A 216 15.49 -5.07 13.94
N ALA A 217 14.20 -5.38 13.80
CA ALA A 217 13.79 -6.49 12.98
C ALA A 217 14.17 -6.29 11.51
N PHE A 218 14.36 -5.03 11.09
CA PHE A 218 14.42 -4.68 9.68
C PHE A 218 15.84 -4.34 9.19
N VAL A 219 16.86 -4.57 10.02
CA VAL A 219 18.20 -4.06 9.71
C VAL A 219 18.74 -4.61 8.41
N ASN A 220 18.36 -5.83 8.04
CA ASN A 220 18.88 -6.39 6.77
C ASN A 220 18.18 -5.86 5.52
N LEU A 221 17.15 -5.01 5.67
CA LEU A 221 16.23 -4.61 4.63
C LEU A 221 16.23 -3.08 4.51
N LYS A 222 15.50 -2.61 3.50
CA LYS A 222 15.22 -1.19 3.30
C LYS A 222 13.72 -0.97 3.17
N GLN A 223 13.28 0.23 3.52
CA GLN A 223 11.89 0.60 3.28
C GLN A 223 11.55 0.51 1.80
N LEU A 224 10.35 0.04 1.51
CA LEU A 224 9.88 -0.06 0.13
C LEU A 224 9.09 1.18 -0.23
N PRO A 225 9.60 2.05 -1.09
CA PRO A 225 8.81 3.20 -1.51
C PRO A 225 7.68 2.81 -2.45
N PHE A 226 6.68 3.67 -2.48
CA PHE A 226 5.53 3.45 -3.33
C PHE A 226 5.93 3.40 -4.80
N PHE A 227 5.35 2.42 -5.49
CA PHE A 227 5.38 2.36 -6.94
C PHE A 227 4.13 1.64 -7.41
N TYR A 228 3.82 1.82 -8.69
CA TYR A 228 2.77 1.06 -9.36
C TYR A 228 3.40 0.49 -10.62
N TYR A 229 3.23 -0.82 -10.83
CA TYR A 229 3.72 -1.48 -12.03
C TYR A 229 2.57 -2.20 -12.71
N SER A 230 2.50 -2.08 -14.03
CA SER A 230 1.54 -2.88 -14.78
C SER A 230 2.07 -3.19 -16.17
N ASP A 231 1.85 -4.44 -16.59
CA ASP A 231 2.16 -4.88 -17.94
C ASP A 231 0.90 -5.21 -18.74
N SER A 232 -0.26 -4.78 -18.27
CA SER A 232 -1.49 -4.97 -19.02
C SER A 232 -1.53 -4.04 -20.24
N PRO A 233 -2.30 -4.39 -21.26
CA PRO A 233 -2.33 -3.55 -22.46
C PRO A 233 -2.86 -2.15 -22.17
N CYS A 234 -2.28 -1.18 -22.84
CA CYS A 234 -2.72 0.21 -22.73
C CYS A 234 -4.03 0.40 -23.51
N GLU A 235 -4.85 1.32 -23.01
CA GLU A 235 -6.14 1.66 -23.64
C GLU A 235 -6.42 3.13 -23.41
N SER A 236 -7.03 3.80 -24.38
CA SER A 236 -7.25 5.22 -24.34
C SER A 236 -8.70 5.63 -24.09
N HIS A 237 -9.64 4.70 -24.17
CA HIS A 237 -11.07 5.07 -23.98
C HIS A 237 -11.91 3.91 -23.44
N VAL A 248 -8.48 13.32 -15.83
CA VAL A 248 -7.33 14.21 -15.59
C VAL A 248 -6.03 13.46 -15.89
N PRO A 249 -5.15 14.07 -16.69
CA PRO A 249 -3.86 13.41 -16.98
C PRO A 249 -3.14 13.03 -15.69
N LEU A 250 -2.37 11.95 -15.77
CA LEU A 250 -1.56 11.49 -14.64
C LEU A 250 -0.09 11.79 -14.91
N LYS A 251 0.53 12.56 -14.04
CA LYS A 251 1.96 12.85 -14.07
C LYS A 251 2.55 12.27 -12.80
N SER A 252 3.44 11.29 -12.97
CA SER A 252 4.04 10.61 -11.82
C SER A 252 5.19 9.71 -12.27
N ALA A 253 6.35 9.88 -11.65
CA ALA A 253 7.48 9.02 -11.90
C ALA A 253 7.30 7.61 -11.35
N THR A 254 6.31 7.39 -10.51
CA THR A 254 6.10 6.09 -9.86
C THR A 254 5.10 5.22 -10.61
N CYS A 255 4.55 5.68 -11.73
CA CYS A 255 3.66 4.87 -12.56
CA CYS A 255 3.66 4.90 -12.58
C CYS A 255 4.52 4.14 -13.60
N ILE A 256 4.87 2.90 -13.29
CA ILE A 256 5.81 2.13 -14.10
C ILE A 256 4.97 1.34 -15.10
N THR A 257 4.75 1.95 -16.25
CA THR A 257 3.92 1.39 -17.33
C THR A 257 4.54 1.76 -18.67
N ARG A 258 4.22 0.97 -19.69
CA ARG A 258 4.77 1.20 -21.03
CA ARG A 258 4.77 1.20 -21.02
C ARG A 258 4.45 2.61 -21.51
N CYS A 259 3.24 3.08 -21.22
CA CYS A 259 2.79 4.40 -21.68
C CYS A 259 3.42 5.55 -20.91
N ASN A 260 4.06 5.27 -19.76
CA ASN A 260 4.78 6.32 -19.04
C ASN A 260 6.26 6.39 -19.45
N LEU A 261 6.73 5.47 -20.30
CA LEU A 261 8.06 5.65 -20.85
C LEU A 261 8.20 7.01 -21.51
N GLY A 262 7.13 7.51 -22.15
CA GLY A 262 7.09 8.82 -22.78
C GLY A 262 6.30 9.86 -22.02
N GLY A 263 5.86 9.56 -20.79
CA GLY A 263 5.16 10.54 -19.96
C GLY A 263 3.71 10.76 -20.28
N ALA A 264 3.08 9.90 -21.08
CA ALA A 264 1.70 10.08 -21.52
C ALA A 264 0.89 8.86 -21.10
N VAL A 265 0.61 8.77 -19.80
CA VAL A 265 -0.08 7.60 -19.26
C VAL A 265 -1.45 7.49 -19.90
N CYS A 266 -1.81 6.29 -20.33
CA CYS A 266 -3.09 6.07 -20.96
C CYS A 266 -4.20 6.15 -19.91
N ARG A 267 -5.43 6.36 -20.39
CA ARG A 267 -6.56 6.45 -19.46
C ARG A 267 -6.70 5.20 -18.59
N HIS A 268 -6.49 4.02 -19.19
CA HIS A 268 -6.64 2.78 -18.44
C HIS A 268 -5.68 2.72 -17.24
N HIS A 269 -4.39 2.99 -17.49
CA HIS A 269 -3.41 2.88 -16.43
C HIS A 269 -3.52 4.05 -15.46
N ALA A 270 -3.96 5.21 -15.94
CA ALA A 270 -4.27 6.30 -15.03
C ALA A 270 -5.32 5.87 -14.03
N ASN A 271 -6.40 5.27 -14.51
CA ASN A 271 -7.45 4.79 -13.62
C ASN A 271 -6.91 3.75 -12.66
N GLU A 272 -6.19 2.74 -13.17
CA GLU A 272 -5.69 1.67 -12.31
C GLU A 272 -4.67 2.18 -11.30
N TYR A 273 -3.85 3.14 -11.71
CA TYR A 273 -2.88 3.73 -10.78
C TYR A 273 -3.60 4.41 -9.61
N ARG A 274 -4.65 5.20 -9.90
CA ARG A 274 -5.35 5.90 -8.82
C ARG A 274 -6.05 4.92 -7.91
N LEU A 275 -6.62 3.84 -8.47
CA LEU A 275 -7.25 2.84 -7.63
C LEU A 275 -6.22 2.14 -6.75
N TYR A 276 -5.04 1.86 -7.30
CA TYR A 276 -3.99 1.22 -6.52
C TYR A 276 -3.48 2.13 -5.42
N LEU A 277 -3.29 3.40 -5.75
CA LEU A 277 -2.86 4.38 -4.74
C LEU A 277 -3.86 4.47 -3.60
N ASP A 278 -5.16 4.40 -3.91
CA ASP A 278 -6.17 4.41 -2.86
C ASP A 278 -6.04 3.19 -1.94
N ALA A 279 -5.80 2.01 -2.52
CA ALA A 279 -5.59 0.82 -1.70
C ALA A 279 -4.32 0.96 -0.84
N TYR A 280 -3.25 1.46 -1.44
CA TYR A 280 -1.98 1.63 -0.74
C TYR A 280 -2.14 2.62 0.41
N ASN A 281 -2.81 3.73 0.15
CA ASN A 281 -3.04 4.69 1.22
C ASN A 281 -3.85 4.09 2.36
N MET A 282 -4.85 3.27 2.04
CA MET A 282 -5.67 2.72 3.11
C MET A 282 -4.83 1.79 3.97
N MET A 283 -3.87 1.10 3.35
CA MET A 283 -3.02 0.19 4.10
C MET A 283 -2.00 0.93 4.95
N ILE A 284 -1.38 1.97 4.40
CA ILE A 284 -0.41 2.74 5.16
C ILE A 284 -1.10 3.54 6.26
N SER A 285 -2.26 4.11 5.96
CA SER A 285 -3.01 4.85 6.96
C SER A 285 -3.40 3.97 8.14
N ALA A 286 -3.63 2.69 7.91
CA ALA A 286 -4.02 1.76 8.95
C ALA A 286 -2.85 1.27 9.78
N GLY A 287 -1.62 1.56 9.39
CA GLY A 287 -0.47 1.23 10.20
C GLY A 287 0.47 0.18 9.67
N PHE A 288 0.25 -0.32 8.44
CA PHE A 288 1.21 -1.26 7.86
C PHE A 288 2.40 -0.54 7.23
N SER A 289 3.56 -1.20 7.25
CA SER A 289 4.74 -0.70 6.56
C SER A 289 5.35 -1.82 5.72
N LEU A 290 5.92 -1.43 4.58
N LEU A 290 5.98 -1.43 4.61
CA LEU A 290 6.56 -2.35 3.65
CA LEU A 290 6.53 -2.38 3.64
C LEU A 290 8.07 -2.27 3.80
C LEU A 290 8.05 -2.25 3.55
N TRP A 291 8.73 -3.38 3.55
CA TRP A 291 10.19 -3.47 3.57
C TRP A 291 10.62 -4.47 2.52
N VAL A 292 11.86 -4.33 2.04
CA VAL A 292 12.31 -5.14 0.91
C VAL A 292 13.81 -5.34 0.94
N TYR A 293 14.25 -6.38 0.23
CA TYR A 293 15.67 -6.66 0.07
C TYR A 293 16.35 -5.45 -0.58
N LYS A 294 17.60 -5.20 -0.16
CA LYS A 294 18.22 -3.92 -0.45
C LYS A 294 18.54 -3.75 -1.94
N GLN A 295 18.63 -4.83 -2.71
CA GLN A 295 18.89 -4.70 -4.14
C GLN A 295 17.65 -4.40 -4.98
N PHE A 296 16.45 -4.39 -4.40
CA PHE A 296 15.26 -4.08 -5.16
C PHE A 296 15.42 -2.76 -5.90
N ASP A 297 15.14 -2.79 -7.18
CA ASP A 297 15.45 -1.66 -8.06
C ASP A 297 14.32 -1.53 -9.06
N THR A 298 13.58 -0.41 -9.01
CA THR A 298 12.50 -0.20 -9.96
C THR A 298 12.97 -0.09 -11.41
N TYR A 299 14.25 0.22 -11.66
CA TYR A 299 14.69 0.26 -13.06
C TYR A 299 14.63 -1.12 -13.70
N ASN A 300 14.77 -2.17 -12.90
CA ASN A 300 14.57 -3.51 -13.41
C ASN A 300 13.12 -3.68 -13.93
N LEU A 301 12.17 -2.96 -13.36
CA LEU A 301 10.80 -2.98 -13.85
C LEU A 301 10.64 -2.20 -15.15
N TRP A 302 11.26 -1.02 -15.24
CA TRP A 302 11.24 -0.30 -16.49
C TRP A 302 11.87 -1.11 -17.62
N ASN A 303 12.87 -1.95 -17.28
CA ASN A 303 13.54 -2.72 -18.31
C ASN A 303 12.67 -3.84 -18.84
N THR A 304 11.58 -4.20 -18.15
CA THR A 304 10.69 -5.22 -18.68
C THR A 304 9.99 -4.76 -19.97
N PHE A 305 9.94 -3.45 -20.24
CA PHE A 305 9.34 -2.92 -21.42
C PHE A 305 10.42 -2.78 -22.49
N THR A 306 10.13 -3.28 -23.69
CA THR A 306 11.13 -3.32 -24.76
C THR A 306 10.59 -2.60 -26.01
N ARG A 307 11.52 -2.25 -26.91
CA ARG A 307 11.22 -1.33 -28.01
C ARG A 307 10.93 -2.03 -29.33
N LEU A 308 10.13 -3.10 -29.33
CA LEU A 308 9.70 -3.72 -30.59
C LEU A 308 8.19 -3.86 -30.64
ZN ZN B . -0.91 2.43 -20.45
BR9 AW2 C . 5.38 -14.79 14.68
N01 AW2 C . 7.78 -17.00 13.50
C02 AW2 C . 6.81 -17.53 12.75
N03 AW2 C . 7.14 -18.53 11.91
C04 AW2 C . 6.17 -19.07 11.17
N05 AW2 C . 4.88 -18.74 11.10
C06 AW2 C . 4.58 -17.71 11.91
C07 AW2 C . 5.48 -17.06 12.77
C08 AW2 C . 4.73 -16.05 13.44
C10 AW2 C . 3.46 -16.08 12.96
N11 AW2 C . 3.34 -17.14 12.08
C12 AW2 C . 2.14 -17.43 11.31
O13 AW2 C . 1.92 -16.30 10.48
C14 AW2 C . 0.50 -16.06 10.30
C15 AW2 C . 0.21 -14.64 10.73
N16 AW2 C . -1.14 -14.16 10.44
C17 AW2 C . -1.24 -12.71 10.70
C18 AW2 C . -0.75 -12.23 12.06
C19 AW2 C . -0.70 -10.72 12.20
N20 AW2 C . -2.03 -10.13 12.03
C21 AW2 C . -2.19 -8.82 11.75
N22 AW2 C . -3.46 -8.51 11.42
C23 AW2 C . -4.09 -7.26 11.42
C24 AW2 C . -3.44 -6.06 11.68
C25 AW2 C . -4.15 -4.87 11.69
C26 AW2 C . -5.52 -4.83 11.43
C27 AW2 C . -6.30 -3.50 11.43
C28 AW2 C . -7.74 -3.73 11.90
C29 AW2 C . -5.64 -2.49 12.37
C30 AW2 C . -6.34 -2.91 10.02
C31 AW2 C . -6.16 -6.03 11.18
C32 AW2 C . -5.46 -7.23 11.18
O33 AW2 C . -1.26 -8.01 11.76
C34 AW2 C . -1.70 -14.49 9.13
C35 AW2 C . -2.23 -15.91 9.01
C36 AW2 C . -0.80 -14.11 7.95
C37 AW2 C . -0.19 -17.19 11.07
O38 AW2 C . -0.55 -18.20 10.12
C39 AW2 C . 0.86 -17.65 12.08
O40 AW2 C . 0.73 -19.02 12.41
HN01 AW2 C . 8.58 -17.33 13.46
HN0A AW2 C . 7.59 -16.32 14.03
H04 AW2 C . 6.43 -19.79 10.62
H10 AW2 C . 2.76 -15.49 13.18
H12 AW2 C . 2.29 -18.26 10.78
H14 AW2 C . 0.24 -16.16 9.36
H15 AW2 C . 0.85 -14.05 10.27
H15A AW2 C . 0.37 -14.57 11.69
H17 AW2 C . -2.19 -12.44 10.62
H17A AW2 C . -0.74 -12.24 10.01
H18 AW2 C . 0.15 -12.59 12.21
H18A AW2 C . -1.33 -12.60 12.76
H19 AW2 C . -0.09 -10.35 11.53
H19A AW2 C . -0.36 -10.48 13.09
HN20 AW2 C . -2.73 -10.64 12.10
HN22 AW2 C . -3.97 -9.19 11.17
H24 AW2 C . -2.52 -6.06 11.86
H25 AW2 C . -3.69 -4.07 11.86
H28 AW2 C . -8.18 -2.88 12.03
H28A AW2 C . -7.73 -4.22 12.75
H28B AW2 C . -8.22 -4.25 11.23
H29 AW2 C . -4.80 -2.18 11.98
H29A AW2 C . -5.46 -2.90 13.23
H29B AW2 C . -6.24 -1.73 12.50
H30 AW2 C . -6.84 -2.08 10.03
H30A AW2 C . -6.78 -3.55 9.42
H30B AW2 C . -5.43 -2.75 9.71
H31 AW2 C . -7.08 -6.04 11.00
H32 AW2 C . -5.92 -8.04 11.02
H34 AW2 C . -2.50 -13.90 9.05
H35 AW2 C . -2.54 -16.21 9.89
H35A AW2 C . -1.52 -16.49 8.70
H35B AW2 C . -2.97 -15.93 8.38
H36 AW2 C . 0.12 -14.35 8.17
H36A AW2 C . -0.86 -13.15 7.80
H36B AW2 C . -1.09 -14.58 7.16
H37 AW2 C . -0.97 -16.86 11.59
HO38 AW2 C . -0.74 -18.91 10.54
H39 AW2 C . 0.81 -17.09 12.90
HO40 AW2 C . 1.45 -19.29 12.77
#